data_5KTG
#
_entry.id   5KTG
#
_cell.length_a   171.641
_cell.length_b   171.641
_cell.length_c   98.194
_cell.angle_alpha   90.00
_cell.angle_beta   90.00
_cell.angle_gamma   120.00
#
_symmetry.space_group_name_H-M   'P 31 2 1'
#
_entity_poly.entity_id   1
_entity_poly.type   'polypeptide(L)'
_entity_poly.pdbx_seq_one_letter_code
;MSKGEELFTGVVPILVELDGDVNGHKFSVSGEGEGDATYGKLTLKFICTTGKLPVPWPTLVTTF(CR2)VQCFARYPDHM
KQHDFFKSAMPEGYVQERTIFFKDDGNYKTRAEVKFEGDTLVNRIELKGIDFKEDGNILGHKLEYNYNSHNVYIMADKQK
NGIKVNFKIRHNIEDGSVQLADHYQQNTPIGDGPVLLPDNHYLSTQSNLSKDPNEKRDHMVLLEFVTAAGITGSNSILGQ
VGRQLALIGDDICRRYDTEFQNLLEQLQPTAGNAYELFTKIASSLFKSGISWGRVVALLGFGYRLALYVYQRG
;
_entity_poly.pdbx_strand_id   A,B
#
# COMPACT_ATOMS: atom_id res chain seq x y z
N MET A 1 6.24 -14.25 -19.37
CA MET A 1 5.36 -15.39 -18.95
C MET A 1 4.46 -15.85 -20.11
N SER A 2 4.94 -16.82 -20.88
CA SER A 2 4.30 -17.27 -22.13
C SER A 2 2.93 -17.95 -21.89
N LYS A 3 2.05 -18.03 -22.90
CA LYS A 3 0.76 -18.77 -22.74
C LYS A 3 1.11 -20.24 -22.75
N GLY A 4 1.89 -20.64 -23.76
CA GLY A 4 2.28 -22.03 -23.89
C GLY A 4 2.99 -22.57 -22.65
N GLU A 5 3.53 -21.65 -21.86
CA GLU A 5 4.10 -21.96 -20.54
C GLU A 5 3.09 -22.81 -19.79
N GLU A 6 1.85 -22.38 -19.85
CA GLU A 6 0.84 -22.90 -18.98
C GLU A 6 0.43 -24.38 -19.22
N LEU A 7 0.89 -25.04 -20.28
CA LEU A 7 0.63 -26.51 -20.44
C LEU A 7 1.35 -27.41 -19.47
N PHE A 8 2.60 -27.05 -19.18
CA PHE A 8 3.54 -27.95 -18.55
C PHE A 8 3.47 -27.88 -17.02
N THR A 9 2.45 -27.16 -16.56
CA THR A 9 2.25 -26.91 -15.14
C THR A 9 2.26 -28.11 -14.26
N GLY A 10 1.74 -29.18 -14.79
CA GLY A 10 1.79 -30.41 -14.07
C GLY A 10 2.65 -31.32 -14.89
N VAL A 11 2.51 -32.60 -14.59
CA VAL A 11 3.08 -33.66 -15.40
C VAL A 11 2.38 -33.70 -16.73
N VAL A 12 3.19 -34.08 -17.69
CA VAL A 12 2.74 -34.17 -19.06
C VAL A 12 3.29 -35.47 -19.65
N PRO A 13 2.43 -36.17 -20.38
CA PRO A 13 2.84 -37.46 -20.95
C PRO A 13 3.57 -37.28 -22.27
N ILE A 14 4.30 -38.31 -22.65
CA ILE A 14 5.15 -38.15 -23.80
C ILE A 14 5.33 -39.40 -24.60
N LEU A 15 5.21 -39.25 -25.90
CA LEU A 15 5.52 -40.34 -26.81
C LEU A 15 6.57 -39.78 -27.75
N VAL A 16 7.44 -40.68 -28.19
CA VAL A 16 8.57 -40.37 -29.06
C VAL A 16 8.68 -41.42 -30.10
N GLU A 17 9.02 -41.05 -31.34
CA GLU A 17 9.17 -42.06 -32.39
C GLU A 17 10.25 -41.69 -33.42
N LEU A 18 10.97 -42.69 -33.95
CA LEU A 18 12.08 -42.39 -34.88
C LEU A 18 12.30 -43.44 -35.99
N ASP A 19 12.68 -42.96 -37.18
CA ASP A 19 12.98 -43.82 -38.34
C ASP A 19 14.39 -43.47 -38.71
N GLY A 20 15.28 -44.41 -38.40
CA GLY A 20 16.69 -44.24 -38.68
C GLY A 20 17.18 -44.97 -39.92
N ASP A 21 18.24 -44.39 -40.47
CA ASP A 21 19.14 -45.05 -41.40
C ASP A 21 20.58 -44.61 -41.16
N VAL A 22 21.49 -45.58 -40.98
CA VAL A 22 22.90 -45.23 -40.88
C VAL A 22 23.70 -46.23 -41.67
N ASN A 23 24.43 -45.69 -42.63
CA ASN A 23 25.17 -46.52 -43.58
C ASN A 23 24.29 -47.61 -44.13
N GLY A 24 23.00 -47.31 -44.31
CA GLY A 24 22.06 -48.29 -44.82
C GLY A 24 21.34 -49.18 -43.80
N HIS A 25 21.92 -49.39 -42.61
CA HIS A 25 21.21 -50.18 -41.61
C HIS A 25 20.08 -49.28 -41.22
N LYS A 26 18.86 -49.78 -41.37
CA LYS A 26 17.70 -48.98 -41.05
C LYS A 26 17.12 -49.55 -39.79
N PHE A 27 16.30 -48.73 -39.15
CA PHE A 27 15.71 -49.12 -37.90
C PHE A 27 14.68 -48.09 -37.52
N SER A 28 13.98 -48.38 -36.43
CA SER A 28 12.98 -47.49 -35.91
C SER A 28 12.93 -47.74 -34.42
N VAL A 29 12.42 -46.77 -33.67
CA VAL A 29 12.32 -46.88 -32.22
C VAL A 29 11.15 -46.09 -31.69
N SER A 30 10.59 -46.52 -30.55
CA SER A 30 9.43 -45.84 -29.97
C SER A 30 9.57 -45.81 -28.44
N GLY A 31 9.07 -44.76 -27.79
CA GLY A 31 9.26 -44.65 -26.36
C GLY A 31 8.19 -43.86 -25.66
N GLU A 32 8.16 -43.98 -24.33
CA GLU A 32 7.05 -43.46 -23.55
C GLU A 32 7.62 -42.99 -22.25
N GLY A 33 6.98 -41.97 -21.68
CA GLY A 33 7.27 -41.54 -20.32
C GLY A 33 6.52 -40.28 -19.97
N GLU A 34 6.93 -39.65 -18.89
CA GLU A 34 6.28 -38.45 -18.45
C GLU A 34 7.39 -37.41 -18.33
N GLY A 35 7.04 -36.12 -18.26
CA GLY A 35 7.99 -35.11 -17.80
C GLY A 35 7.35 -33.90 -17.11
N ASP A 36 8.07 -33.35 -16.14
CA ASP A 36 7.51 -32.34 -15.25
C ASP A 36 8.41 -31.16 -15.41
N ALA A 37 7.95 -30.12 -16.08
CA ALA A 37 8.89 -29.05 -16.35
C ALA A 37 9.09 -28.31 -15.07
N THR A 38 8.11 -28.43 -14.19
CA THR A 38 8.19 -27.72 -12.96
C THR A 38 9.36 -28.11 -12.10
N TYR A 39 9.68 -29.39 -12.02
CA TYR A 39 10.86 -29.82 -11.30
C TYR A 39 11.97 -30.13 -12.26
N GLY A 40 11.69 -29.92 -13.54
CA GLY A 40 12.71 -30.06 -14.55
C GLY A 40 13.24 -31.47 -14.55
N LYS A 41 12.29 -32.38 -14.62
CA LYS A 41 12.55 -33.81 -14.46
C LYS A 41 11.93 -34.48 -15.64
N LEU A 42 12.57 -35.53 -16.11
CA LEU A 42 12.04 -36.24 -17.26
C LEU A 42 12.42 -37.74 -17.21
N THR A 43 11.45 -38.59 -17.56
CA THR A 43 11.56 -40.02 -17.32
C THR A 43 11.06 -40.78 -18.55
N LEU A 44 11.87 -41.69 -19.12
CA LEU A 44 11.49 -42.40 -20.37
C LEU A 44 12.06 -43.82 -20.63
N LYS A 45 11.25 -44.68 -21.24
CA LYS A 45 11.73 -45.96 -21.74
C LYS A 45 11.64 -46.01 -23.29
N PHE A 46 12.67 -46.58 -23.93
CA PHE A 46 12.77 -46.70 -25.40
C PHE A 46 12.98 -48.15 -25.83
N ILE A 47 12.31 -48.57 -26.90
CA ILE A 47 12.52 -49.92 -27.37
C ILE A 47 12.71 -49.87 -28.87
N CYS A 48 13.63 -50.67 -29.38
CA CYS A 48 13.84 -50.75 -30.81
C CYS A 48 12.87 -51.76 -31.44
N THR A 49 12.04 -51.28 -32.37
CA THR A 49 10.97 -52.10 -32.98
C THR A 49 11.33 -52.89 -34.25
N THR A 50 12.55 -52.66 -34.73
CA THR A 50 13.22 -53.45 -35.76
C THR A 50 14.12 -54.49 -35.08
N GLY A 51 13.87 -54.70 -33.79
CA GLY A 51 14.65 -55.60 -32.95
C GLY A 51 16.00 -55.07 -32.52
N LYS A 52 17.08 -55.75 -32.84
CA LYS A 52 18.35 -55.18 -32.43
C LYS A 52 18.67 -53.86 -33.18
N LEU A 53 19.27 -52.93 -32.41
CA LEU A 53 19.71 -51.57 -32.80
C LEU A 53 21.14 -51.42 -33.33
N PRO A 54 21.32 -50.91 -34.56
CA PRO A 54 22.70 -50.95 -35.11
C PRO A 54 23.75 -50.08 -34.41
N VAL A 55 23.33 -49.12 -33.59
CA VAL A 55 24.28 -48.24 -32.88
C VAL A 55 24.13 -48.27 -31.34
N PRO A 56 25.20 -47.88 -30.64
CA PRO A 56 25.03 -47.86 -29.21
C PRO A 56 24.13 -46.71 -28.85
N TRP A 57 23.41 -46.91 -27.79
CA TRP A 57 22.33 -46.02 -27.45
C TRP A 57 22.64 -44.55 -27.20
N PRO A 58 23.68 -44.30 -26.41
CA PRO A 58 23.79 -42.95 -25.87
C PRO A 58 23.93 -41.97 -26.99
N THR A 59 24.32 -42.48 -28.14
CA THR A 59 24.47 -41.70 -29.35
C THR A 59 23.23 -40.87 -29.62
N LEU A 60 22.10 -41.37 -29.14
CA LEU A 60 20.82 -40.77 -29.47
C LEU A 60 20.18 -39.92 -28.38
N VAL A 61 20.77 -39.95 -27.21
CA VAL A 61 20.09 -39.47 -26.02
C VAL A 61 19.63 -38.06 -26.21
N THR A 62 20.40 -37.38 -27.00
CA THR A 62 20.16 -36.00 -27.27
C THR A 62 19.02 -35.91 -28.23
N THR A 63 19.14 -36.74 -29.26
CA THR A 63 18.25 -36.72 -30.39
C THR A 63 16.85 -36.97 -29.94
N PHE A 64 16.73 -38.02 -29.14
CA PHE A 64 15.48 -38.37 -28.47
C PHE A 64 14.98 -37.24 -27.63
N1 CR2 A 65 15.85 -37.14 -26.50
CA1 CR2 A 65 15.64 -36.31 -25.31
C1 CR2 A 65 16.39 -34.98 -25.46
N2 CR2 A 65 17.44 -34.61 -24.71
N3 CR2 A 65 16.11 -34.04 -26.39
C2 CR2 A 65 17.01 -33.02 -26.22
O2 CR2 A 65 17.10 -31.75 -26.97
CA2 CR2 A 65 17.88 -33.39 -25.14
CA3 CR2 A 65 15.06 -34.15 -27.39
C3 CR2 A 65 14.06 -33.04 -27.19
O3 CR2 A 65 13.36 -32.68 -28.12
CB2 CR2 A 65 19.05 -32.50 -24.61
CG2 CR2 A 65 20.25 -33.09 -23.95
CD1 CR2 A 65 20.16 -34.29 -23.23
CD2 CR2 A 65 21.46 -32.40 -23.96
CE1 CR2 A 65 21.27 -34.80 -22.57
CE2 CR2 A 65 22.58 -32.90 -23.29
CZ CR2 A 65 22.49 -34.11 -22.60
OH CR2 A 65 23.59 -34.69 -21.88
N VAL A 66 13.69 -32.80 -25.87
CA VAL A 66 12.50 -32.06 -25.64
C VAL A 66 12.79 -31.08 -24.56
N GLN A 67 13.31 -29.96 -24.98
CA GLN A 67 13.85 -29.07 -24.02
C GLN A 67 12.70 -28.25 -23.42
N CYS A 68 11.49 -28.59 -23.81
CA CYS A 68 10.35 -27.91 -23.24
C CYS A 68 10.30 -28.24 -21.78
N PHE A 69 10.98 -29.30 -21.41
CA PHE A 69 10.82 -29.79 -20.05
C PHE A 69 11.86 -29.31 -19.08
N ALA A 70 12.67 -28.34 -19.51
CA ALA A 70 13.66 -27.76 -18.62
C ALA A 70 13.05 -26.76 -17.67
N ARG A 71 13.58 -26.68 -16.45
CA ARG A 71 13.09 -25.69 -15.50
C ARG A 71 13.79 -24.37 -15.67
N TYR A 72 13.02 -23.36 -16.05
CA TYR A 72 13.46 -21.99 -16.07
C TYR A 72 12.96 -21.34 -14.78
N PRO A 73 13.85 -20.82 -13.93
CA PRO A 73 13.25 -20.13 -12.78
C PRO A 73 12.66 -18.77 -13.17
N ASP A 74 12.02 -18.09 -12.22
CA ASP A 74 11.12 -17.00 -12.55
C ASP A 74 11.84 -15.82 -13.17
N HIS A 75 13.06 -15.53 -12.73
CA HIS A 75 13.69 -14.37 -13.32
C HIS A 75 13.97 -14.67 -14.75
N MET A 76 14.21 -15.93 -15.04
CA MET A 76 14.52 -16.25 -16.42
C MET A 76 13.29 -16.64 -17.24
N LYS A 77 12.09 -16.67 -16.66
CA LYS A 77 10.98 -17.29 -17.41
C LYS A 77 10.57 -16.60 -18.74
N GLN A 78 11.13 -15.43 -19.05
CA GLN A 78 10.79 -14.74 -20.29
C GLN A 78 11.77 -15.18 -21.38
N HIS A 79 12.64 -16.12 -21.02
CA HIS A 79 13.56 -16.78 -21.95
C HIS A 79 13.19 -18.24 -22.34
N ASP A 80 12.00 -18.73 -21.95
CA ASP A 80 11.65 -20.11 -22.26
C ASP A 80 10.99 -20.18 -23.61
N PHE A 81 11.81 -20.54 -24.57
CA PHE A 81 11.37 -20.47 -25.93
C PHE A 81 10.57 -21.65 -26.20
N PHE A 82 10.98 -22.73 -25.59
CA PHE A 82 10.39 -23.97 -25.94
C PHE A 82 8.94 -23.94 -25.61
N LYS A 83 8.63 -23.58 -24.39
CA LYS A 83 7.26 -23.62 -23.98
C LYS A 83 6.38 -22.56 -24.63
N SER A 84 6.98 -21.55 -25.23
CA SER A 84 6.19 -20.46 -25.77
C SER A 84 5.60 -20.83 -27.11
N ALA A 85 6.39 -21.60 -27.86
CA ALA A 85 6.04 -22.02 -29.22
C ALA A 85 4.87 -22.93 -29.20
N MET A 86 4.70 -23.54 -28.04
CA MET A 86 3.56 -24.37 -27.74
C MET A 86 2.24 -23.59 -27.76
N PRO A 87 1.12 -24.32 -27.91
CA PRO A 87 0.99 -25.76 -28.14
C PRO A 87 1.35 -26.22 -29.56
N GLU A 88 1.38 -25.27 -30.48
CA GLU A 88 1.59 -25.58 -31.90
C GLU A 88 2.96 -26.23 -32.06
N GLY A 89 3.83 -26.01 -31.07
CA GLY A 89 5.12 -26.66 -31.02
C GLY A 89 6.23 -25.99 -31.81
N TYR A 90 7.30 -26.77 -32.02
CA TYR A 90 8.50 -26.33 -32.74
C TYR A 90 9.14 -27.49 -33.48
N VAL A 91 9.88 -27.13 -34.52
CA VAL A 91 10.65 -28.08 -35.33
C VAL A 91 12.05 -27.99 -34.80
N GLN A 92 12.65 -29.13 -34.39
CA GLN A 92 14.11 -29.20 -34.04
C GLN A 92 15.02 -30.00 -35.03
N GLU A 93 15.80 -29.24 -35.82
CA GLU A 93 16.79 -29.84 -36.72
C GLU A 93 18.13 -29.85 -36.05
N ARG A 94 18.94 -30.87 -36.34
CA ARG A 94 20.33 -30.91 -35.84
C ARG A 94 21.28 -31.42 -36.91
N THR A 95 22.56 -31.27 -36.58
CA THR A 95 23.56 -32.01 -37.28
C THR A 95 24.54 -32.38 -36.17
N ILE A 96 24.84 -33.65 -36.03
CA ILE A 96 25.68 -34.09 -34.92
C ILE A 96 26.93 -34.74 -35.52
N PHE A 97 28.08 -34.10 -35.31
CA PHE A 97 29.33 -34.58 -35.84
C PHE A 97 30.09 -35.33 -34.80
N PHE A 98 30.17 -36.63 -35.08
CA PHE A 98 31.04 -37.47 -34.33
C PHE A 98 32.39 -37.19 -34.95
N LYS A 99 33.35 -36.93 -34.08
CA LYS A 99 34.68 -36.52 -34.43
C LYS A 99 35.51 -37.73 -34.82
N ASP A 100 36.25 -37.64 -35.93
CA ASP A 100 37.07 -38.76 -36.36
C ASP A 100 36.18 -39.88 -36.89
N ASP A 101 34.90 -39.60 -37.07
CA ASP A 101 33.94 -40.60 -37.50
C ASP A 101 32.91 -39.86 -38.34
N GLY A 102 31.76 -40.46 -38.55
CA GLY A 102 30.76 -39.89 -39.43
C GLY A 102 29.92 -38.78 -38.78
N ASN A 103 28.67 -38.67 -39.24
CA ASN A 103 27.65 -37.76 -38.70
C ASN A 103 26.15 -38.22 -38.68
N TYR A 104 25.34 -37.53 -37.86
CA TYR A 104 23.88 -37.68 -37.86
C TYR A 104 23.27 -36.37 -38.35
N LYS A 105 22.27 -36.45 -39.21
CA LYS A 105 21.36 -35.33 -39.42
C LYS A 105 20.03 -35.70 -38.73
N THR A 106 19.41 -34.77 -37.98
CA THR A 106 18.08 -35.04 -37.44
C THR A 106 17.14 -33.90 -37.80
N ARG A 107 15.88 -34.25 -38.05
CA ARG A 107 14.77 -33.32 -38.16
C ARG A 107 13.71 -33.92 -37.25
N ALA A 108 13.00 -33.08 -36.51
CA ALA A 108 11.99 -33.57 -35.60
C ALA A 108 10.95 -32.50 -35.38
N GLU A 109 9.74 -32.95 -35.03
CA GLU A 109 8.66 -32.02 -34.76
C GLU A 109 8.38 -32.37 -33.33
N VAL A 110 8.52 -31.38 -32.46
CA VAL A 110 8.16 -31.59 -31.08
C VAL A 110 6.98 -30.72 -30.81
N LYS A 111 5.83 -31.37 -30.73
CA LYS A 111 4.54 -30.72 -30.68
C LYS A 111 3.59 -31.50 -29.82
N PHE A 112 2.48 -30.86 -29.47
CA PHE A 112 1.44 -31.48 -28.69
C PHE A 112 0.38 -32.11 -29.59
N GLU A 113 0.11 -33.40 -29.35
CA GLU A 113 -1.03 -34.14 -29.93
C GLU A 113 -1.83 -34.66 -28.75
N GLY A 114 -2.96 -34.02 -28.52
CA GLY A 114 -3.76 -34.33 -27.36
C GLY A 114 -3.26 -33.64 -26.09
N ASP A 115 -3.37 -34.31 -24.96
CA ASP A 115 -2.85 -33.80 -23.70
C ASP A 115 -1.43 -34.36 -23.62
N THR A 116 -1.07 -35.09 -24.67
CA THR A 116 0.25 -35.64 -24.89
C THR A 116 1.22 -34.80 -25.72
N LEU A 117 2.48 -34.85 -25.32
CA LEU A 117 3.53 -34.25 -26.10
C LEU A 117 4.29 -35.25 -26.91
N VAL A 118 4.66 -34.83 -28.12
CA VAL A 118 5.26 -35.76 -29.04
C VAL A 118 6.52 -35.26 -29.71
N ASN A 119 7.47 -36.18 -29.78
CA ASN A 119 8.70 -35.99 -30.55
C ASN A 119 8.73 -37.00 -31.66
N ARG A 120 8.54 -36.48 -32.87
CA ARG A 120 8.61 -37.30 -34.06
C ARG A 120 9.91 -36.97 -34.79
N ILE A 121 10.80 -37.97 -34.91
CA ILE A 121 12.17 -37.74 -35.37
C ILE A 121 12.53 -38.61 -36.56
N GLU A 122 13.35 -38.03 -37.40
CA GLU A 122 13.72 -38.61 -38.67
C GLU A 122 15.21 -38.50 -38.71
N LEU A 123 15.90 -39.61 -38.84
CA LEU A 123 17.33 -39.53 -38.72
C LEU A 123 18.13 -40.12 -39.87
N LYS A 124 19.20 -39.44 -40.26
CA LYS A 124 20.14 -40.00 -41.25
C LYS A 124 21.63 -39.90 -40.83
N GLY A 125 22.20 -41.06 -40.52
CA GLY A 125 23.63 -41.17 -40.32
C GLY A 125 24.38 -41.65 -41.55
N ILE A 126 25.63 -41.19 -41.71
CA ILE A 126 26.50 -41.60 -42.81
C ILE A 126 27.99 -41.47 -42.51
N ASP A 127 28.79 -42.24 -43.26
CA ASP A 127 30.26 -42.11 -43.30
C ASP A 127 30.97 -42.67 -42.07
N PHE A 128 30.22 -43.26 -41.16
CA PHE A 128 30.83 -43.90 -40.01
C PHE A 128 31.68 -45.07 -40.41
N LYS A 129 32.48 -45.49 -39.47
CA LYS A 129 33.44 -46.53 -39.75
C LYS A 129 33.11 -47.79 -39.03
N GLU A 130 33.37 -48.89 -39.76
CA GLU A 130 32.97 -50.22 -39.39
C GLU A 130 33.45 -50.57 -37.99
N ASP A 131 34.72 -50.32 -37.73
CA ASP A 131 35.30 -50.42 -36.39
C ASP A 131 35.30 -49.06 -35.66
N GLY A 132 34.59 -48.05 -36.17
CA GLY A 132 34.53 -46.77 -35.48
C GLY A 132 34.02 -46.99 -34.07
N ASN A 133 34.06 -45.98 -33.20
CA ASN A 133 33.56 -46.20 -31.84
C ASN A 133 32.14 -46.70 -31.85
N ILE A 134 31.48 -46.24 -32.91
CA ILE A 134 30.06 -46.36 -33.06
C ILE A 134 29.68 -47.75 -33.46
N LEU A 135 30.08 -48.13 -34.67
CA LEU A 135 29.72 -49.42 -35.22
C LEU A 135 30.47 -50.59 -34.49
N GLY A 136 31.39 -50.25 -33.59
CA GLY A 136 32.13 -51.22 -32.78
C GLY A 136 31.56 -51.33 -31.38
N HIS A 137 30.56 -50.51 -31.09
CA HIS A 137 29.82 -50.56 -29.83
C HIS A 137 30.78 -50.58 -28.69
N LYS A 138 31.65 -49.61 -28.87
CA LYS A 138 32.79 -49.32 -28.03
C LYS A 138 32.46 -48.30 -26.91
N LEU A 139 31.31 -47.65 -27.01
CA LEU A 139 30.94 -46.61 -26.06
C LEU A 139 30.36 -47.20 -24.83
N GLU A 140 30.67 -46.58 -23.68
CA GLU A 140 30.22 -47.13 -22.43
C GLU A 140 28.80 -46.70 -22.40
N TYR A 141 28.10 -47.25 -21.43
CA TYR A 141 26.70 -47.00 -21.28
C TYR A 141 26.53 -46.04 -20.12
N ASN A 142 26.53 -44.75 -20.44
CA ASN A 142 26.34 -43.70 -19.44
C ASN A 142 26.41 -42.35 -20.12
N TYR A 143 26.17 -41.32 -19.31
CA TYR A 143 26.15 -39.98 -19.81
C TYR A 143 26.71 -39.10 -18.79
N ASN A 144 27.41 -38.11 -19.30
CA ASN A 144 27.99 -37.13 -18.44
C ASN A 144 27.00 -36.01 -18.43
N SER A 145 27.33 -35.01 -17.64
CA SER A 145 26.55 -33.81 -17.63
C SER A 145 27.16 -32.95 -18.70
N HIS A 146 26.45 -31.89 -19.05
CA HIS A 146 26.84 -31.05 -20.16
C HIS A 146 26.12 -29.71 -20.02
N ASN A 147 26.50 -28.78 -20.89
CA ASN A 147 25.87 -27.48 -20.90
C ASN A 147 25.42 -27.24 -22.31
N VAL A 148 24.26 -26.60 -22.45
CA VAL A 148 23.70 -26.39 -23.76
C VAL A 148 23.50 -24.93 -23.99
N TYR A 149 24.21 -24.39 -24.94
CA TYR A 149 24.33 -22.97 -25.02
C TYR A 149 23.36 -22.52 -26.05
N ILE A 150 22.51 -21.61 -25.58
CA ILE A 150 21.41 -21.09 -26.34
C ILE A 150 21.60 -19.63 -26.62
N MET A 151 21.39 -19.27 -27.88
CA MET A 151 21.50 -17.88 -28.32
C MET A 151 20.32 -17.65 -29.26
N ALA A 152 19.66 -16.51 -29.14
CA ALA A 152 18.58 -16.18 -30.04
C ALA A 152 19.02 -15.91 -31.51
N ASP A 153 18.25 -16.46 -32.47
CA ASP A 153 18.33 -16.17 -33.94
C ASP A 153 17.04 -15.52 -34.47
N LYS A 154 17.01 -14.20 -34.62
CA LYS A 154 15.75 -13.51 -34.92
C LYS A 154 15.44 -13.61 -36.40
N GLN A 155 16.45 -13.87 -37.23
CA GLN A 155 16.24 -13.96 -38.67
C GLN A 155 15.24 -15.07 -38.92
N LYS A 156 15.22 -16.08 -38.02
CA LYS A 156 14.27 -17.20 -38.10
C LYS A 156 13.05 -17.25 -37.11
N ASN A 157 12.84 -16.19 -36.30
CA ASN A 157 11.83 -16.20 -35.21
C ASN A 157 11.94 -17.49 -34.44
N GLY A 158 13.19 -17.85 -34.16
CA GLY A 158 13.56 -19.11 -33.52
C GLY A 158 14.92 -18.99 -32.79
N ILE A 159 15.58 -20.12 -32.47
CA ILE A 159 16.88 -20.09 -31.81
C ILE A 159 17.90 -21.04 -32.40
N LYS A 160 19.15 -20.81 -31.99
CA LYS A 160 20.28 -21.64 -32.38
C LYS A 160 20.93 -22.09 -31.12
N VAL A 161 21.50 -23.28 -31.18
CA VAL A 161 21.92 -23.95 -29.99
C VAL A 161 23.21 -24.68 -30.24
N ASN A 162 24.09 -24.67 -29.24
CA ASN A 162 25.39 -25.28 -29.42
C ASN A 162 25.92 -25.98 -28.22
N PHE A 163 26.48 -27.15 -28.47
CA PHE A 163 27.29 -27.81 -27.47
C PHE A 163 28.01 -29.02 -28.03
N LYS A 164 28.74 -29.69 -27.15
CA LYS A 164 29.61 -30.83 -27.48
C LYS A 164 29.39 -31.90 -26.40
N ILE A 165 29.34 -33.17 -26.83
CA ILE A 165 28.92 -34.29 -25.99
C ILE A 165 30.05 -35.26 -25.78
N ARG A 166 30.16 -35.79 -24.57
CA ARG A 166 31.27 -36.64 -24.15
C ARG A 166 30.79 -38.06 -23.77
N HIS A 167 31.14 -39.01 -24.64
CA HIS A 167 30.76 -40.40 -24.49
C HIS A 167 32.02 -41.13 -24.08
N ASN A 168 32.11 -41.52 -22.82
CA ASN A 168 33.33 -42.16 -22.31
C ASN A 168 33.50 -43.43 -23.09
N ILE A 169 34.72 -43.99 -23.12
CA ILE A 169 34.99 -45.16 -23.94
C ILE A 169 35.53 -46.27 -23.03
N GLU A 170 35.29 -47.52 -23.43
CA GLU A 170 35.63 -48.71 -22.63
C GLU A 170 37.11 -48.67 -22.27
N ASP A 171 37.87 -48.22 -23.24
CA ASP A 171 39.27 -47.92 -23.07
C ASP A 171 39.65 -47.05 -21.86
N GLY A 172 38.88 -46.01 -21.60
CA GLY A 172 39.34 -44.89 -20.80
C GLY A 172 39.56 -43.69 -21.73
N SER A 173 39.45 -43.94 -23.04
CA SER A 173 39.53 -42.91 -24.09
C SER A 173 38.25 -42.07 -24.02
N VAL A 174 38.03 -41.11 -24.92
CA VAL A 174 36.73 -40.40 -24.97
C VAL A 174 36.29 -40.06 -26.38
N GLN A 175 34.96 -40.08 -26.65
CA GLN A 175 34.45 -39.66 -27.99
C GLN A 175 33.50 -38.46 -27.93
N LEU A 176 33.81 -37.56 -28.86
CA LEU A 176 33.24 -36.24 -28.97
C LEU A 176 32.14 -36.24 -30.02
N ALA A 177 31.05 -35.57 -29.65
CA ALA A 177 29.96 -35.35 -30.55
C ALA A 177 29.64 -33.87 -30.51
N ASP A 178 29.90 -33.19 -31.63
CA ASP A 178 29.82 -31.74 -31.70
C ASP A 178 28.39 -31.42 -32.11
N HIS A 179 27.58 -30.85 -31.21
CA HIS A 179 26.15 -30.66 -31.51
C HIS A 179 25.89 -29.23 -32.01
N TYR A 180 25.30 -29.17 -33.21
CA TYR A 180 24.86 -27.93 -33.86
C TYR A 180 23.35 -28.05 -34.06
N GLN A 181 22.58 -27.05 -33.59
CA GLN A 181 21.12 -27.18 -33.51
C GLN A 181 20.33 -25.89 -33.75
N GLN A 182 19.09 -26.09 -34.23
CA GLN A 182 18.15 -25.06 -34.69
C GLN A 182 16.73 -25.41 -34.29
N ASN A 183 16.00 -24.47 -33.68
CA ASN A 183 14.62 -24.74 -33.28
C ASN A 183 13.72 -23.65 -33.82
N THR A 184 12.81 -24.01 -34.70
CA THR A 184 11.99 -23.04 -35.41
C THR A 184 10.50 -23.32 -35.27
N PRO A 185 9.74 -22.39 -34.67
CA PRO A 185 8.34 -22.64 -34.35
C PRO A 185 7.47 -22.96 -35.57
N ILE A 186 6.51 -23.87 -35.41
CA ILE A 186 5.66 -24.23 -36.55
C ILE A 186 4.53 -23.20 -36.57
N GLY A 187 4.14 -22.80 -35.36
CA GLY A 187 3.14 -21.77 -35.16
C GLY A 187 3.63 -20.46 -35.70
N ASP A 188 2.69 -19.66 -36.14
CA ASP A 188 3.05 -18.36 -36.63
C ASP A 188 2.94 -17.34 -35.53
N GLY A 189 2.56 -17.81 -34.35
CA GLY A 189 2.38 -16.91 -33.26
C GLY A 189 3.66 -16.25 -32.79
N PRO A 190 3.54 -15.46 -31.71
CA PRO A 190 4.67 -14.90 -31.00
C PRO A 190 5.28 -15.94 -30.09
N VAL A 191 6.58 -15.83 -30.04
CA VAL A 191 7.41 -16.73 -29.32
C VAL A 191 8.22 -15.91 -28.36
N LEU A 192 8.96 -16.56 -27.48
CA LEU A 192 9.95 -15.89 -26.64
C LEU A 192 11.36 -16.12 -27.17
N LEU A 193 12.03 -15.02 -27.48
CA LEU A 193 13.41 -15.04 -27.92
C LEU A 193 14.32 -14.66 -26.79
N PRO A 194 15.27 -15.52 -26.47
CA PRO A 194 16.00 -15.23 -25.25
C PRO A 194 17.30 -14.45 -25.47
N ASP A 195 17.86 -13.91 -24.39
CA ASP A 195 19.27 -13.51 -24.35
C ASP A 195 20.09 -14.75 -24.31
N ASN A 196 21.35 -14.66 -24.66
CA ASN A 196 22.15 -15.86 -24.58
C ASN A 196 22.10 -16.39 -23.13
N HIS A 197 22.01 -17.70 -23.03
CA HIS A 197 21.93 -18.43 -21.76
C HIS A 197 22.17 -19.90 -22.10
N TYR A 198 22.09 -20.80 -21.12
CA TYR A 198 22.31 -22.23 -21.38
C TYR A 198 21.49 -23.14 -20.45
N LEU A 199 21.56 -24.43 -20.70
CA LEU A 199 20.84 -25.40 -19.90
C LEU A 199 21.80 -26.41 -19.38
N SER A 200 21.51 -26.92 -18.19
CA SER A 200 22.42 -27.82 -17.51
C SER A 200 21.77 -29.17 -17.38
N THR A 201 22.19 -30.06 -18.27
CA THR A 201 21.63 -31.38 -18.32
C THR A 201 22.55 -32.22 -17.51
N GLN A 202 21.97 -33.12 -16.74
CA GLN A 202 22.70 -34.17 -16.08
C GLN A 202 21.88 -35.44 -16.33
N SER A 203 22.57 -36.58 -16.52
CA SER A 203 21.88 -37.75 -17.07
C SER A 203 22.43 -39.10 -16.62
N ASN A 204 21.50 -40.06 -16.65
CA ASN A 204 21.70 -41.46 -16.23
C ASN A 204 20.98 -42.46 -17.09
N LEU A 205 21.74 -43.48 -17.48
CA LEU A 205 21.27 -44.55 -18.34
C LEU A 205 21.26 -45.88 -17.61
N SER A 206 20.04 -46.36 -17.43
CA SER A 206 19.72 -47.59 -16.74
C SER A 206 19.11 -48.62 -17.71
N LYS A 207 18.67 -49.76 -17.19
CA LYS A 207 17.96 -50.77 -17.99
C LYS A 207 16.71 -51.31 -17.20
N ASP A 208 15.76 -51.95 -17.91
CA ASP A 208 14.61 -52.56 -17.25
C ASP A 208 14.94 -54.05 -17.13
N PRO A 209 14.91 -54.57 -15.89
CA PRO A 209 15.34 -55.95 -15.65
C PRO A 209 14.49 -56.93 -16.45
N ASN A 210 13.21 -56.57 -16.52
CA ASN A 210 12.19 -57.40 -17.08
C ASN A 210 12.31 -57.39 -18.57
N GLU A 211 12.16 -56.20 -19.12
CA GLU A 211 12.07 -56.03 -20.55
C GLU A 211 13.24 -56.69 -21.25
N LYS A 212 12.84 -57.42 -22.27
CA LYS A 212 13.73 -58.28 -22.98
C LYS A 212 14.25 -57.76 -24.29
N ARG A 213 13.71 -56.63 -24.72
CA ARG A 213 14.11 -56.12 -26.01
C ARG A 213 15.18 -55.09 -25.86
N ASP A 214 15.94 -54.90 -26.95
CA ASP A 214 16.95 -53.85 -26.98
C ASP A 214 16.21 -52.59 -26.63
N HIS A 215 16.63 -51.98 -25.54
CA HIS A 215 15.92 -50.83 -25.03
C HIS A 215 16.87 -49.94 -24.30
N MET A 216 16.33 -48.82 -23.82
CA MET A 216 17.07 -47.92 -22.95
C MET A 216 16.09 -47.23 -22.04
N VAL A 217 16.48 -47.01 -20.79
CA VAL A 217 15.67 -46.25 -19.87
C VAL A 217 16.49 -45.06 -19.52
N LEU A 218 15.87 -43.89 -19.61
CA LEU A 218 16.55 -42.62 -19.60
C LEU A 218 16.01 -41.66 -18.57
N LEU A 219 16.87 -41.14 -17.72
CA LEU A 219 16.45 -40.02 -16.90
C LEU A 219 17.29 -38.79 -17.15
N GLU A 220 16.64 -37.63 -17.24
CA GLU A 220 17.30 -36.36 -17.46
C GLU A 220 16.77 -35.38 -16.45
N PHE A 221 17.68 -34.70 -15.75
CA PHE A 221 17.34 -33.47 -15.05
C PHE A 221 17.85 -32.34 -15.89
N VAL A 222 17.04 -31.32 -16.08
CA VAL A 222 17.47 -30.25 -16.94
C VAL A 222 17.06 -28.91 -16.35
N THR A 223 18.07 -28.10 -16.08
CA THR A 223 17.84 -26.82 -15.46
C THR A 223 18.45 -25.65 -16.24
N ALA A 224 17.73 -24.54 -16.26
CA ALA A 224 18.15 -23.34 -16.99
C ALA A 224 18.91 -22.31 -16.14
N ALA A 225 19.88 -21.66 -16.76
CA ALA A 225 20.75 -20.73 -16.04
C ALA A 225 21.59 -19.82 -16.99
N GLY A 226 22.48 -18.99 -16.41
CA GLY A 226 23.38 -18.04 -17.09
C GLY A 226 22.91 -16.60 -17.18
N ILE A 227 21.93 -16.28 -16.31
CA ILE A 227 21.34 -14.96 -16.12
C ILE A 227 20.91 -14.69 -14.65
N THR A 228 21.08 -13.45 -14.18
CA THR A 228 20.75 -13.15 -12.77
C THR A 228 19.78 -11.97 -12.56
N GLY A 229 20.15 -10.76 -12.96
CA GLY A 229 19.20 -9.67 -13.14
C GLY A 229 18.22 -10.24 -14.15
N SER A 230 17.06 -9.65 -14.36
CA SER A 230 16.06 -10.30 -15.24
C SER A 230 15.48 -9.56 -16.50
N ASN A 231 14.42 -8.78 -16.27
CA ASN A 231 14.15 -7.47 -16.90
C ASN A 231 14.26 -6.71 -15.58
N SER A 232 15.42 -6.08 -15.31
CA SER A 232 15.93 -6.05 -13.92
C SER A 232 14.97 -5.35 -12.91
N ILE A 233 14.62 -4.07 -13.13
CA ILE A 233 13.81 -3.26 -12.18
C ILE A 233 12.25 -3.64 -12.09
N LEU A 234 11.69 -4.52 -12.95
CA LEU A 234 10.30 -5.06 -12.81
C LEU A 234 10.21 -6.10 -11.69
N GLY A 235 10.98 -7.19 -11.85
CA GLY A 235 11.19 -8.23 -10.84
C GLY A 235 12.08 -7.85 -9.66
N GLN A 236 12.87 -6.79 -9.81
CA GLN A 236 13.55 -6.15 -8.68
C GLN A 236 12.58 -5.22 -7.87
N VAL A 237 11.39 -4.89 -8.41
CA VAL A 237 10.31 -4.22 -7.62
C VAL A 237 10.07 -5.07 -6.37
N GLY A 238 10.28 -6.37 -6.56
CA GLY A 238 10.17 -7.44 -5.57
C GLY A 238 11.25 -7.53 -4.49
N ARG A 239 12.23 -6.65 -4.54
CA ARG A 239 13.21 -6.52 -3.46
C ARG A 239 12.61 -5.61 -2.34
N GLN A 240 12.29 -4.35 -2.72
CA GLN A 240 11.75 -3.33 -1.80
C GLN A 240 10.22 -3.39 -1.47
N LEU A 241 9.36 -3.81 -2.40
CA LEU A 241 7.95 -3.97 -2.02
C LEU A 241 7.83 -5.14 -1.05
N ALA A 242 8.74 -6.10 -1.17
CA ALA A 242 8.81 -7.26 -0.27
C ALA A 242 9.36 -7.01 1.17
N LEU A 243 10.54 -6.38 1.30
CA LEU A 243 11.04 -5.99 2.65
C LEU A 243 10.35 -4.70 3.20
N ILE A 244 9.56 -4.00 2.36
CA ILE A 244 8.68 -2.93 2.84
C ILE A 244 7.72 -3.56 3.81
N GLY A 245 7.20 -4.69 3.36
CA GLY A 245 6.30 -5.55 4.07
C GLY A 245 6.87 -6.58 5.05
N ASP A 246 8.06 -7.12 4.78
CA ASP A 246 8.67 -8.10 5.70
C ASP A 246 9.17 -7.37 6.96
N ASP A 247 9.32 -6.03 6.86
CA ASP A 247 9.48 -5.13 8.04
C ASP A 247 8.11 -4.54 8.53
N ILE A 248 7.30 -3.91 7.66
CA ILE A 248 5.96 -3.37 8.04
C ILE A 248 5.16 -4.32 8.91
N CYS A 249 5.12 -5.60 8.53
CA CYS A 249 4.43 -6.60 9.32
C CYS A 249 4.93 -6.53 10.76
N ARG A 250 6.23 -6.80 10.96
CA ARG A 250 6.87 -6.81 12.29
C ARG A 250 7.08 -5.46 12.99
N ARG A 251 6.86 -4.34 12.29
CA ARG A 251 6.91 -3.02 12.95
C ARG A 251 5.89 -2.92 14.07
N TYR A 252 4.63 -2.93 13.66
CA TYR A 252 3.48 -2.49 14.47
C TYR A 252 2.57 -3.61 15.03
N ASP A 253 2.80 -4.85 14.60
CA ASP A 253 1.88 -5.92 14.90
C ASP A 253 1.83 -6.43 16.33
N THR A 254 2.73 -5.98 17.21
CA THR A 254 2.54 -6.25 18.63
C THR A 254 1.96 -5.08 19.48
N GLU A 255 1.84 -3.86 18.93
CA GLU A 255 1.00 -2.88 19.62
C GLU A 255 -0.40 -2.97 19.02
N PHE A 256 -0.47 -3.61 17.86
CA PHE A 256 -1.74 -3.95 17.21
C PHE A 256 -2.41 -4.96 18.15
N GLN A 257 -1.75 -6.09 18.34
CA GLN A 257 -2.08 -7.04 19.40
C GLN A 257 -2.22 -6.37 20.79
N ASN A 258 -1.38 -5.38 21.18
CA ASN A 258 -1.64 -4.64 22.45
C ASN A 258 -3.07 -4.05 22.44
N LEU A 259 -3.56 -3.60 21.28
CA LEU A 259 -4.90 -3.01 21.23
C LEU A 259 -5.99 -4.08 21.25
N LEU A 260 -5.75 -5.20 20.58
CA LEU A 260 -6.70 -6.30 20.68
C LEU A 260 -6.72 -7.04 22.05
N GLU A 261 -5.57 -7.13 22.73
CA GLU A 261 -5.54 -7.64 24.10
C GLU A 261 -6.08 -6.60 25.07
N GLN A 262 -6.03 -5.32 24.66
CA GLN A 262 -6.69 -4.23 25.38
C GLN A 262 -8.13 -3.88 24.88
N LEU A 263 -8.61 -4.37 23.72
CA LEU A 263 -10.06 -4.22 23.36
C LEU A 263 -10.88 -5.50 23.47
N GLN A 264 -10.21 -6.62 23.74
CA GLN A 264 -10.80 -7.94 23.85
C GLN A 264 -12.03 -8.11 23.03
N PRO A 265 -11.94 -7.90 21.72
CA PRO A 265 -13.14 -7.97 20.91
C PRO A 265 -13.67 -9.36 20.70
N THR A 266 -15.00 -9.39 20.62
CA THR A 266 -15.77 -10.57 20.26
C THR A 266 -16.64 -10.19 19.08
N ALA A 267 -17.19 -11.22 18.44
CA ALA A 267 -17.98 -11.00 17.25
C ALA A 267 -19.14 -10.03 17.48
N GLY A 268 -19.67 -9.94 18.69
CA GLY A 268 -20.79 -9.05 18.91
C GLY A 268 -20.45 -7.62 18.58
N ASN A 269 -19.38 -7.16 19.19
CA ASN A 269 -19.05 -5.75 19.18
C ASN A 269 -18.17 -5.32 18.06
N ALA A 270 -17.72 -6.29 17.31
CA ALA A 270 -16.68 -6.02 16.36
C ALA A 270 -17.01 -4.87 15.46
N TYR A 271 -18.19 -4.95 14.86
CA TYR A 271 -18.56 -3.97 13.84
C TYR A 271 -18.56 -2.58 14.42
N GLU A 272 -19.26 -2.44 15.53
CA GLU A 272 -19.37 -1.16 16.17
C GLU A 272 -17.92 -0.69 16.43
N LEU A 273 -17.12 -1.55 17.06
CA LEU A 273 -15.75 -1.16 17.45
C LEU A 273 -14.99 -0.49 16.32
N PHE A 274 -14.95 -1.23 15.23
CA PHE A 274 -14.27 -0.82 14.03
C PHE A 274 -14.83 0.55 13.59
N THR A 275 -16.11 0.58 13.22
CA THR A 275 -16.73 1.79 12.69
C THR A 275 -16.50 3.04 13.49
N LYS A 276 -16.37 2.88 14.80
CA LYS A 276 -16.14 4.04 15.64
C LYS A 276 -14.72 4.45 15.38
N ILE A 277 -13.79 3.51 15.48
CA ILE A 277 -12.40 3.89 15.24
C ILE A 277 -12.38 4.65 13.89
N ALA A 278 -13.23 4.22 12.96
CA ALA A 278 -13.25 4.77 11.60
C ALA A 278 -13.47 6.29 11.42
N SER A 279 -14.72 6.75 11.57
CA SER A 279 -15.05 8.12 11.17
C SER A 279 -14.18 9.07 12.02
N SER A 280 -14.05 8.72 13.29
CA SER A 280 -13.20 9.44 14.25
C SER A 280 -11.72 9.51 13.89
N LEU A 281 -11.18 8.44 13.31
CA LEU A 281 -9.76 8.46 12.93
C LEU A 281 -9.60 9.35 11.71
N PHE A 282 -10.64 9.36 10.86
CA PHE A 282 -10.60 10.17 9.62
C PHE A 282 -10.99 11.64 9.77
N LYS A 283 -11.66 11.97 10.86
CA LYS A 283 -11.91 13.38 11.16
C LYS A 283 -10.57 14.20 11.23
N SER A 284 -9.45 13.54 11.63
CA SER A 284 -8.03 14.09 11.60
C SER A 284 -7.60 14.74 10.26
N GLY A 285 -7.62 13.90 9.23
CA GLY A 285 -7.29 14.26 7.85
C GLY A 285 -7.35 12.93 7.09
N ILE A 286 -7.01 12.96 5.81
CA ILE A 286 -6.99 11.73 5.01
C ILE A 286 -5.67 11.76 4.21
N SER A 287 -5.15 10.57 3.98
CA SER A 287 -4.18 10.26 2.91
C SER A 287 -4.46 8.78 2.75
N TRP A 288 -3.73 8.05 1.91
CA TRP A 288 -3.85 6.58 1.94
C TRP A 288 -3.07 6.11 3.19
N GLY A 289 -2.00 6.87 3.56
CA GLY A 289 -1.08 6.52 4.64
C GLY A 289 -1.83 6.11 5.88
N ARG A 290 -2.96 6.78 6.14
CA ARG A 290 -3.95 6.35 7.16
C ARG A 290 -4.79 5.14 6.74
N VAL A 291 -5.25 5.18 5.49
CA VAL A 291 -6.31 4.29 5.04
C VAL A 291 -5.85 2.83 5.12
N VAL A 292 -4.60 2.61 4.77
CA VAL A 292 -4.00 1.29 4.92
C VAL A 292 -4.15 0.74 6.37
N ALA A 293 -3.55 1.49 7.30
CA ALA A 293 -3.37 1.09 8.69
C ALA A 293 -4.66 0.55 9.22
N LEU A 294 -5.69 1.29 8.84
CA LEU A 294 -7.02 0.99 9.29
C LEU A 294 -7.29 -0.49 9.06
N LEU A 295 -7.29 -0.97 7.83
CA LEU A 295 -7.77 -2.31 7.68
C LEU A 295 -6.72 -3.33 8.03
N GLY A 296 -5.46 -2.89 8.07
CA GLY A 296 -4.41 -3.72 8.66
C GLY A 296 -4.90 -4.20 10.01
N PHE A 297 -5.61 -3.30 10.65
CA PHE A 297 -6.24 -3.66 11.88
C PHE A 297 -7.35 -4.68 11.67
N GLY A 298 -8.21 -4.47 10.70
CA GLY A 298 -9.26 -5.43 10.49
C GLY A 298 -8.82 -6.85 10.19
N TYR A 299 -7.89 -7.07 9.26
CA TYR A 299 -7.34 -8.45 9.06
C TYR A 299 -6.85 -8.85 10.44
N ARG A 300 -6.02 -8.03 11.11
CA ARG A 300 -5.50 -8.51 12.40
C ARG A 300 -6.58 -8.63 13.48
N LEU A 301 -7.68 -7.91 13.30
CA LEU A 301 -8.81 -7.99 14.21
C LEU A 301 -9.58 -9.28 14.06
N ALA A 302 -10.00 -9.50 12.83
CA ALA A 302 -10.67 -10.69 12.41
C ALA A 302 -9.94 -11.90 12.92
N LEU A 303 -8.63 -11.90 12.74
CA LEU A 303 -7.91 -13.05 13.23
C LEU A 303 -8.09 -13.18 14.74
N TYR A 304 -8.19 -12.08 15.49
CA TYR A 304 -8.33 -12.25 16.93
C TYR A 304 -9.71 -12.77 17.30
N VAL A 305 -10.75 -12.29 16.63
CA VAL A 305 -12.07 -12.86 16.87
C VAL A 305 -12.18 -14.28 16.38
N TYR A 306 -11.86 -14.52 15.12
CA TYR A 306 -12.06 -15.82 14.54
C TYR A 306 -11.35 -16.91 15.38
N GLN A 307 -10.10 -16.67 15.72
CA GLN A 307 -9.37 -17.59 16.58
C GLN A 307 -9.99 -17.65 17.95
N ARG A 308 -10.38 -16.50 18.49
CA ARG A 308 -11.00 -16.54 19.80
C ARG A 308 -12.48 -16.77 19.57
N GLY A 309 -12.90 -18.02 19.75
CA GLY A 309 -14.20 -18.51 19.26
C GLY A 309 -14.06 -19.51 18.12
N MET B 1 -2.21 16.70 18.05
CA MET B 1 -1.78 17.94 18.69
C MET B 1 -1.13 18.83 17.66
N SER B 2 -1.97 19.57 16.95
CA SER B 2 -1.50 20.26 15.74
C SER B 2 -0.48 21.32 16.11
N LYS B 3 0.50 21.55 15.26
CA LYS B 3 1.39 22.65 15.55
C LYS B 3 0.60 23.89 15.22
N GLY B 4 0.63 24.82 16.15
CA GLY B 4 -0.46 25.72 16.40
C GLY B 4 -1.07 25.27 17.73
N GLU B 5 -0.86 24.01 18.13
CA GLU B 5 -1.20 23.53 19.50
C GLU B 5 0.02 23.74 20.36
N GLU B 6 1.12 23.18 19.91
CA GLU B 6 2.35 23.06 20.69
C GLU B 6 2.91 24.48 21.05
N LEU B 7 2.21 25.49 20.54
CA LEU B 7 2.32 26.91 20.92
C LEU B 7 1.98 27.24 22.42
N PHE B 8 0.92 26.63 22.97
CA PHE B 8 0.33 27.01 24.26
C PHE B 8 0.94 26.34 25.52
N THR B 9 2.06 25.63 25.36
CA THR B 9 2.74 24.88 26.44
C THR B 9 2.89 25.72 27.70
N GLY B 10 3.01 27.01 27.48
CA GLY B 10 3.12 27.96 28.54
C GLY B 10 2.27 29.15 28.22
N VAL B 11 2.50 30.17 29.02
CA VAL B 11 1.70 31.37 29.01
C VAL B 11 1.81 32.13 27.72
N VAL B 12 0.71 32.81 27.40
CA VAL B 12 0.59 33.58 26.19
C VAL B 12 -0.19 34.87 26.42
N PRO B 13 0.24 35.99 25.81
CA PRO B 13 -0.46 37.25 26.08
C PRO B 13 -1.63 37.53 25.16
N ILE B 14 -2.40 38.56 25.51
CA ILE B 14 -3.67 38.86 24.85
C ILE B 14 -4.07 40.33 24.82
N LEU B 15 -4.60 40.75 23.68
CA LEU B 15 -5.25 42.03 23.58
C LEU B 15 -6.64 41.85 22.97
N VAL B 16 -7.54 42.77 23.32
CA VAL B 16 -8.92 42.76 22.84
C VAL B 16 -9.41 44.20 22.49
N GLU B 17 -10.14 44.34 21.38
CA GLU B 17 -10.78 45.61 21.01
C GLU B 17 -12.12 45.31 20.39
N LEU B 18 -13.04 46.22 20.63
CA LEU B 18 -14.39 46.01 20.22
C LEU B 18 -15.04 47.31 19.87
N ASP B 19 -15.92 47.26 18.90
CA ASP B 19 -16.70 48.43 18.52
C ASP B 19 -18.20 48.08 18.47
N GLY B 20 -18.93 48.60 19.45
CA GLY B 20 -20.33 48.31 19.61
C GLY B 20 -21.25 49.36 19.06
N ASP B 21 -22.45 48.92 18.69
CA ASP B 21 -23.57 49.80 18.44
C ASP B 21 -24.69 49.09 19.09
N VAL B 22 -25.38 49.76 19.99
CA VAL B 22 -26.57 49.17 20.58
C VAL B 22 -27.65 50.24 20.69
N ASN B 23 -28.77 50.04 20.00
CA ASN B 23 -29.82 51.05 19.99
C ASN B 23 -29.25 52.44 19.72
N GLY B 24 -28.22 52.50 18.87
CA GLY B 24 -27.62 53.76 18.44
C GLY B 24 -26.50 54.31 19.30
N HIS B 25 -26.47 53.99 20.59
CA HIS B 25 -25.33 54.40 21.40
C HIS B 25 -24.24 53.46 20.95
N LYS B 26 -23.15 54.02 20.48
CA LYS B 26 -22.02 53.20 20.13
C LYS B 26 -20.97 53.44 21.18
N PHE B 27 -19.90 52.66 21.07
CA PHE B 27 -18.79 52.76 21.96
C PHE B 27 -17.75 51.80 21.46
N SER B 28 -16.65 51.79 22.16
CA SER B 28 -15.62 50.83 21.90
C SER B 28 -15.01 50.58 23.24
N VAL B 29 -14.36 49.43 23.33
CA VAL B 29 -13.72 48.98 24.56
C VAL B 29 -12.55 48.16 24.12
N SER B 30 -11.54 48.17 24.96
CA SER B 30 -10.32 47.49 24.66
C SER B 30 -9.76 46.97 25.98
N GLY B 31 -9.01 45.88 25.89
CA GLY B 31 -8.48 45.25 27.09
C GLY B 31 -7.28 44.36 26.84
N GLU B 32 -6.65 43.96 27.94
CA GLU B 32 -5.32 43.34 27.92
C GLU B 32 -5.18 42.32 29.02
N GLY B 33 -4.38 41.30 28.74
CA GLY B 33 -4.00 40.35 29.78
C GLY B 33 -3.28 39.16 29.17
N GLU B 34 -3.19 38.07 29.95
CA GLU B 34 -2.55 36.82 29.53
C GLU B 34 -3.50 35.59 29.69
N GLY B 35 -3.16 34.45 29.07
CA GLY B 35 -3.82 33.18 29.42
C GLY B 35 -2.98 31.92 29.19
N ASP B 36 -3.22 30.88 30.01
CA ASP B 36 -2.47 29.60 29.95
C ASP B 36 -3.42 28.42 29.76
N ALA B 37 -3.36 27.85 28.58
CA ALA B 37 -4.26 26.79 28.28
C ALA B 37 -3.79 25.51 28.96
N THR B 38 -2.55 25.50 29.42
CA THR B 38 -2.05 24.27 30.01
C THR B 38 -2.89 23.92 31.22
N TYR B 39 -3.25 24.94 32.02
CA TYR B 39 -4.14 24.78 33.18
C TYR B 39 -5.52 25.27 32.94
N GLY B 40 -5.76 25.74 31.72
CA GLY B 40 -7.10 26.15 31.36
C GLY B 40 -7.48 27.34 32.17
N LYS B 41 -6.66 28.36 32.04
CA LYS B 41 -6.78 29.56 32.83
C LYS B 41 -6.69 30.81 32.00
N LEU B 42 -7.41 31.84 32.40
CA LEU B 42 -7.40 33.06 31.63
C LEU B 42 -7.65 34.28 32.51
N THR B 43 -6.94 35.38 32.20
CA THR B 43 -6.91 36.60 33.01
C THR B 43 -6.96 37.86 32.12
N LEU B 44 -7.89 38.81 32.35
CA LEU B 44 -8.03 40.05 31.53
C LEU B 44 -8.62 41.31 32.24
N LYS B 45 -8.11 42.50 31.89
CA LYS B 45 -8.80 43.72 32.30
C LYS B 45 -9.36 44.36 31.07
N PHE B 46 -10.57 44.91 31.22
CA PHE B 46 -11.25 45.62 30.14
C PHE B 46 -11.52 47.01 30.61
N ILE B 47 -11.10 47.95 29.77
CA ILE B 47 -11.34 49.34 30.04
C ILE B 47 -12.00 49.88 28.83
N CYS B 48 -13.00 50.70 29.12
CA CYS B 48 -13.83 51.26 28.11
C CYS B 48 -13.15 52.53 27.64
N THR B 49 -12.74 52.53 26.36
CA THR B 49 -11.97 53.62 25.76
C THR B 49 -12.93 54.71 25.30
N THR B 50 -14.23 54.44 25.42
CA THR B 50 -15.29 55.47 25.35
C THR B 50 -15.71 55.97 26.74
N GLY B 51 -14.94 55.66 27.79
CA GLY B 51 -15.32 56.08 29.13
C GLY B 51 -16.48 55.24 29.60
N LYS B 52 -17.62 55.89 29.79
CA LYS B 52 -18.86 55.22 30.18
C LYS B 52 -19.33 54.14 29.23
N LEU B 53 -19.59 52.96 29.81
CA LEU B 53 -20.11 51.82 29.07
C LEU B 53 -21.61 51.71 29.31
N PRO B 54 -22.42 51.90 28.25
CA PRO B 54 -23.88 52.00 28.36
C PRO B 54 -24.61 50.68 28.70
N VAL B 55 -23.94 49.55 28.55
CA VAL B 55 -24.57 48.26 28.85
C VAL B 55 -23.85 47.62 30.03
N PRO B 56 -24.56 46.77 30.78
CA PRO B 56 -23.88 46.18 31.93
C PRO B 56 -22.83 45.27 31.43
N TRP B 57 -21.77 45.18 32.21
CA TRP B 57 -20.59 44.48 31.79
C TRP B 57 -20.86 43.00 31.47
N PRO B 58 -21.65 42.32 32.31
CA PRO B 58 -21.66 40.87 32.11
C PRO B 58 -22.12 40.38 30.71
N THR B 59 -22.90 41.22 30.05
CA THR B 59 -23.42 40.92 28.71
C THR B 59 -22.37 40.53 27.69
N LEU B 60 -21.19 41.07 27.87
CA LEU B 60 -20.17 41.01 26.86
C LEU B 60 -19.13 39.97 27.14
N VAL B 61 -19.23 39.40 28.31
CA VAL B 61 -18.20 38.54 28.82
C VAL B 61 -17.91 37.39 27.88
N THR B 62 -18.96 37.04 27.19
CA THR B 62 -18.95 35.91 26.30
C THR B 62 -18.18 36.31 25.04
N THR B 63 -18.57 37.46 24.50
CA THR B 63 -18.10 37.95 23.22
C THR B 63 -16.62 38.10 23.31
N PHE B 64 -16.28 38.76 24.42
CA PHE B 64 -14.91 38.99 24.82
C PHE B 64 -14.15 37.67 24.89
N1 CR2 B 65 -14.28 36.86 26.07
CA1 CR2 B 65 -13.41 35.72 26.30
C1 CR2 B 65 -14.37 34.61 25.90
N2 CR2 B 65 -15.12 33.88 26.74
N3 CR2 B 65 -14.63 34.35 24.62
C2 CR2 B 65 -15.56 33.34 24.64
O2 CR2 B 65 -16.12 32.70 23.47
CA2 CR2 B 65 -15.89 33.03 25.97
CA3 CR2 B 65 -14.07 34.93 23.42
C3 CR2 B 65 -12.84 34.14 23.00
O3 CR2 B 65 -12.94 33.53 21.97
CB2 CR2 B 65 -16.93 31.94 26.30
CG2 CR2 B 65 -17.68 31.93 27.57
CD1 CR2 B 65 -17.15 32.45 28.77
CD2 CR2 B 65 -18.93 31.35 27.56
CE1 CR2 B 65 -17.89 32.39 29.93
CE2 CR2 B 65 -19.69 31.28 28.73
CZ CR2 B 65 -19.17 31.81 29.90
OH CR2 B 65 -19.97 31.69 31.08
N VAL B 66 -11.98 33.68 24.03
CA VAL B 66 -10.81 33.17 23.33
C VAL B 66 -10.65 31.77 23.82
N GLN B 67 -11.34 30.93 23.10
CA GLN B 67 -11.58 29.60 23.57
C GLN B 67 -10.43 28.63 23.31
N CYS B 68 -9.37 29.15 22.70
CA CYS B 68 -8.18 28.36 22.42
C CYS B 68 -7.55 27.98 23.74
N PHE B 69 -7.97 28.73 24.76
CA PHE B 69 -7.34 28.73 26.07
C PHE B 69 -7.98 27.75 27.02
N ALA B 70 -8.82 26.92 26.48
CA ALA B 70 -9.37 25.85 27.28
C ALA B 70 -8.35 24.72 27.42
N ARG B 71 -8.44 24.02 28.55
CA ARG B 71 -7.64 22.84 28.71
C ARG B 71 -8.37 21.78 27.98
N TYR B 72 -7.75 21.23 26.95
CA TYR B 72 -8.30 20.03 26.37
C TYR B 72 -7.55 18.96 27.06
N PRO B 73 -8.30 18.14 27.78
CA PRO B 73 -7.57 17.10 28.48
C PRO B 73 -6.88 16.17 27.55
N ASP B 74 -6.18 15.23 28.15
CA ASP B 74 -5.22 14.49 27.41
C ASP B 74 -5.86 13.55 26.39
N HIS B 75 -6.93 12.85 26.77
CA HIS B 75 -7.52 11.93 25.83
C HIS B 75 -8.20 12.69 24.66
N MET B 76 -8.64 13.93 24.92
CA MET B 76 -9.42 14.74 23.97
C MET B 76 -8.63 15.60 22.98
N LYS B 77 -7.31 15.47 22.96
CA LYS B 77 -6.45 16.44 22.28
C LYS B 77 -6.80 16.67 20.82
N GLN B 78 -7.58 15.75 20.27
CA GLN B 78 -7.89 15.82 18.86
C GLN B 78 -9.21 16.56 18.59
N HIS B 79 -9.87 17.07 19.61
CA HIS B 79 -11.10 17.83 19.41
C HIS B 79 -10.90 19.33 19.54
N ASP B 80 -9.66 19.77 19.62
CA ASP B 80 -9.42 21.19 19.78
C ASP B 80 -9.37 21.82 18.39
N PHE B 81 -10.45 22.52 18.06
CA PHE B 81 -10.58 23.16 16.76
C PHE B 81 -9.80 24.46 16.83
N PHE B 82 -9.78 25.06 18.01
CA PHE B 82 -9.16 26.37 18.24
C PHE B 82 -7.64 26.38 18.08
N LYS B 83 -6.98 25.46 18.79
CA LYS B 83 -5.52 25.33 18.75
C LYS B 83 -5.03 24.80 17.38
N SER B 84 -5.96 24.34 16.54
CA SER B 84 -5.61 23.94 15.18
C SER B 84 -5.60 25.11 14.18
N ALA B 85 -6.61 25.99 14.26
CA ALA B 85 -6.75 27.08 13.28
C ALA B 85 -5.60 28.05 13.42
N MET B 86 -5.05 28.09 14.64
CA MET B 86 -3.83 28.85 14.88
C MET B 86 -2.71 28.13 14.11
N PRO B 87 -1.70 28.89 13.77
CA PRO B 87 -1.59 30.33 14.01
C PRO B 87 -2.46 31.25 13.12
N GLU B 88 -2.94 30.76 11.98
CA GLU B 88 -3.68 31.62 11.04
C GLU B 88 -4.98 32.19 11.65
N GLY B 89 -5.50 31.51 12.66
CA GLY B 89 -6.70 31.93 13.39
C GLY B 89 -8.02 31.50 12.78
N TYR B 90 -9.12 32.08 13.28
CA TYR B 90 -10.47 31.73 12.86
C TYR B 90 -11.41 32.92 12.99
N VAL B 91 -12.50 32.90 12.24
CA VAL B 91 -13.53 33.93 12.45
C VAL B 91 -14.67 33.32 13.25
N GLN B 92 -14.90 33.92 14.41
CA GLN B 92 -16.00 33.58 15.29
C GLN B 92 -17.06 34.65 15.25
N GLU B 93 -18.23 34.22 14.81
CA GLU B 93 -19.37 35.09 14.83
C GLU B 93 -20.48 34.40 15.59
N ARG B 94 -21.30 35.18 16.30
CA ARG B 94 -22.45 34.61 16.98
C ARG B 94 -23.65 35.54 16.88
N THR B 95 -24.77 35.08 17.45
CA THR B 95 -25.97 35.86 17.63
C THR B 95 -26.59 35.52 19.00
N ILE B 96 -26.93 36.56 19.76
CA ILE B 96 -27.32 36.42 21.16
C ILE B 96 -28.73 36.95 21.46
N PHE B 97 -29.66 36.07 21.81
CA PHE B 97 -31.03 36.49 22.08
C PHE B 97 -31.37 36.56 23.56
N PHE B 98 -31.59 37.76 24.03
CA PHE B 98 -32.02 37.93 25.38
C PHE B 98 -33.51 37.69 25.42
N LYS B 99 -33.95 37.06 26.50
CA LYS B 99 -35.35 36.72 26.66
C LYS B 99 -36.14 37.99 26.97
N ASP B 100 -37.17 38.24 26.17
CA ASP B 100 -38.01 39.41 26.38
C ASP B 100 -37.19 40.65 26.12
N ASP B 101 -36.08 40.52 25.40
CA ASP B 101 -35.26 41.67 25.11
C ASP B 101 -34.55 41.42 23.78
N GLY B 102 -33.58 42.26 23.45
CA GLY B 102 -33.01 42.32 22.13
C GLY B 102 -31.96 41.30 21.73
N ASN B 103 -31.09 41.68 20.80
CA ASN B 103 -29.98 40.84 20.43
C ASN B 103 -28.69 41.62 20.15
N TYR B 104 -27.57 40.88 20.18
CA TYR B 104 -26.27 41.36 19.75
C TYR B 104 -25.96 40.42 18.57
N LYS B 105 -25.47 40.93 17.47
CA LYS B 105 -24.79 40.07 16.50
C LYS B 105 -23.33 40.40 16.69
N THR B 106 -22.47 39.39 16.73
CA THR B 106 -21.06 39.70 16.73
C THR B 106 -20.29 38.95 15.69
N ARG B 107 -19.34 39.69 15.18
CA ARG B 107 -18.36 39.21 14.26
C ARG B 107 -17.04 39.55 14.87
N ALA B 108 -16.11 38.65 14.65
CA ALA B 108 -14.80 38.86 15.18
C ALA B 108 -13.88 37.83 14.59
N GLU B 109 -12.60 38.15 14.67
CA GLU B 109 -11.50 37.32 14.20
C GLU B 109 -10.63 37.11 15.43
N VAL B 110 -10.37 35.84 15.73
CA VAL B 110 -9.41 35.49 16.75
C VAL B 110 -8.25 34.95 15.93
N LYS B 111 -7.18 35.70 15.91
CA LYS B 111 -6.12 35.45 14.97
C LYS B 111 -4.91 35.58 15.88
N PHE B 112 -3.78 35.09 15.44
CA PHE B 112 -2.56 35.20 16.21
C PHE B 112 -1.58 36.23 15.63
N GLU B 113 -0.98 37.14 16.43
CA GLU B 113 0.15 37.91 15.86
C GLU B 113 1.54 37.71 16.51
N GLY B 114 2.25 36.73 15.95
CA GLY B 114 3.65 36.41 16.21
C GLY B 114 3.93 35.86 17.58
N ASP B 115 3.32 36.54 18.55
CA ASP B 115 3.34 36.14 19.95
C ASP B 115 1.99 36.42 20.58
N THR B 116 1.53 37.67 20.50
CA THR B 116 0.24 38.02 21.12
C THR B 116 -0.98 37.52 20.34
N LEU B 117 -1.98 37.06 21.07
CA LEU B 117 -3.24 36.61 20.49
C LEU B 117 -4.29 37.72 20.60
N VAL B 118 -5.13 37.86 19.58
CA VAL B 118 -6.00 39.02 19.48
C VAL B 118 -7.46 38.82 19.12
N ASN B 119 -8.35 39.60 19.75
CA ASN B 119 -9.74 39.62 19.34
C ASN B 119 -10.20 41.04 18.90
N ARG B 120 -10.43 41.25 17.60
CA ARG B 120 -11.07 42.49 17.13
C ARG B 120 -12.49 42.09 16.83
N ILE B 121 -13.39 42.88 17.39
CA ILE B 121 -14.78 42.55 17.41
C ILE B 121 -15.66 43.64 16.88
N GLU B 122 -16.70 43.23 16.21
CA GLU B 122 -17.63 44.16 15.61
C GLU B 122 -18.93 43.65 16.13
N LEU B 123 -19.60 44.50 16.88
CA LEU B 123 -20.83 44.09 17.49
C LEU B 123 -21.90 45.06 17.08
N LYS B 124 -23.07 44.47 16.87
CA LYS B 124 -24.24 45.18 16.44
C LYS B 124 -25.40 44.79 17.36
N GLY B 125 -25.82 45.74 18.19
CA GLY B 125 -27.00 45.56 19.01
C GLY B 125 -28.17 46.22 18.32
N ILE B 126 -29.37 45.70 18.57
CA ILE B 126 -30.59 46.33 18.09
C ILE B 126 -31.79 46.02 19.00
N ASP B 127 -32.65 47.02 19.19
CA ASP B 127 -33.97 46.84 19.83
C ASP B 127 -33.96 46.35 21.32
N PHE B 128 -33.62 47.22 22.26
CA PHE B 128 -33.72 46.88 23.69
C PHE B 128 -34.63 47.84 24.42
N LYS B 129 -35.02 47.48 25.64
CA LYS B 129 -36.03 48.24 26.39
C LYS B 129 -35.34 48.98 27.54
N GLU B 130 -35.66 50.25 27.71
CA GLU B 130 -34.97 51.13 28.68
C GLU B 130 -35.16 50.71 30.14
N ASP B 131 -36.39 50.36 30.51
CA ASP B 131 -36.64 49.81 31.83
C ASP B 131 -36.35 48.31 31.72
N GLY B 132 -35.93 47.88 30.52
CA GLY B 132 -35.48 46.53 30.30
C GLY B 132 -34.28 46.23 31.17
N ASN B 133 -33.93 44.97 31.24
CA ASN B 133 -32.86 44.55 32.11
C ASN B 133 -31.51 45.12 31.69
N ILE B 134 -31.34 45.30 30.38
CA ILE B 134 -30.04 45.65 29.83
C ILE B 134 -29.78 47.12 30.06
N LEU B 135 -30.63 47.92 29.45
CA LEU B 135 -30.48 49.37 29.48
C LEU B 135 -30.73 49.95 30.88
N GLY B 136 -31.16 49.11 31.83
CA GLY B 136 -31.42 49.54 33.20
C GLY B 136 -30.34 49.16 34.20
N HIS B 137 -29.33 48.43 33.71
CA HIS B 137 -28.22 47.99 34.55
C HIS B 137 -28.82 47.35 35.75
N LYS B 138 -29.74 46.45 35.43
CA LYS B 138 -30.46 45.75 36.44
C LYS B 138 -29.80 44.41 36.77
N LEU B 139 -28.95 43.87 35.89
CA LEU B 139 -28.42 42.56 36.23
C LEU B 139 -27.20 42.77 37.09
N GLU B 140 -27.05 41.88 38.06
CA GLU B 140 -26.05 42.07 39.09
C GLU B 140 -24.71 41.70 38.47
N TYR B 141 -23.69 41.85 39.28
CA TYR B 141 -22.32 41.83 38.80
C TYR B 141 -21.64 40.46 38.88
N ASN B 142 -22.40 39.38 38.73
CA ASN B 142 -21.82 38.02 38.68
C ASN B 142 -21.80 37.32 37.36
N TYR B 143 -21.27 36.10 37.42
CA TYR B 143 -21.34 35.17 36.32
C TYR B 143 -21.43 33.78 36.83
N ASN B 144 -22.18 32.96 36.11
CA ASN B 144 -22.37 31.61 36.53
C ASN B 144 -21.43 30.69 35.77
N SER B 145 -21.50 29.44 36.16
CA SER B 145 -20.83 28.40 35.43
C SER B 145 -21.77 28.11 34.27
N HIS B 146 -21.28 27.45 33.22
CA HIS B 146 -22.07 27.16 32.03
C HIS B 146 -21.44 25.97 31.33
N ASN B 147 -22.17 25.39 30.40
CA ASN B 147 -21.65 24.30 29.64
C ASN B 147 -21.75 24.74 28.22
N VAL B 148 -20.77 24.40 27.39
CA VAL B 148 -20.77 24.84 26.00
C VAL B 148 -20.58 23.73 24.97
N TYR B 149 -21.61 23.57 24.12
CA TYR B 149 -21.83 22.35 23.38
C TYR B 149 -21.34 22.59 21.93
N ILE B 150 -20.45 21.71 21.45
CA ILE B 150 -19.80 21.84 20.13
C ILE B 150 -20.05 20.66 19.18
N MET B 151 -20.34 20.95 17.91
CA MET B 151 -20.58 19.91 16.90
C MET B 151 -19.81 20.32 15.65
N ALA B 152 -19.19 19.35 14.99
CA ALA B 152 -18.55 19.65 13.72
C ALA B 152 -19.58 20.02 12.63
N ASP B 153 -19.30 21.10 11.91
CA ASP B 153 -20.04 21.48 10.70
C ASP B 153 -18.98 21.28 9.59
N LYS B 154 -19.00 20.12 8.93
CA LYS B 154 -17.88 19.72 8.04
C LYS B 154 -18.06 20.42 6.72
N GLN B 155 -19.31 20.86 6.55
CA GLN B 155 -19.78 21.67 5.43
C GLN B 155 -19.04 23.00 5.35
N LYS B 156 -18.63 23.57 6.49
CA LYS B 156 -17.84 24.80 6.51
C LYS B 156 -16.33 24.65 6.72
N ASN B 157 -15.86 23.40 6.86
CA ASN B 157 -14.55 23.09 7.44
C ASN B 157 -14.43 23.96 8.71
N GLY B 158 -15.58 24.21 9.35
CA GLY B 158 -15.71 25.08 10.51
C GLY B 158 -16.30 24.30 11.67
N ILE B 159 -16.92 25.01 12.63
CA ILE B 159 -17.74 24.33 13.66
C ILE B 159 -18.94 25.18 14.01
N LYS B 160 -19.89 24.55 14.68
CA LYS B 160 -21.11 25.23 15.14
C LYS B 160 -21.26 24.99 16.65
N VAL B 161 -21.85 25.96 17.35
CA VAL B 161 -21.89 25.94 18.83
C VAL B 161 -23.19 26.51 19.44
N ASN B 162 -23.58 25.91 20.56
CA ASN B 162 -24.83 26.20 21.26
C ASN B 162 -24.48 26.31 22.74
N PHE B 163 -25.08 27.28 23.42
CA PHE B 163 -25.14 27.30 24.88
C PHE B 163 -26.14 28.38 25.22
N LYS B 164 -26.48 28.48 26.50
CA LYS B 164 -27.38 29.52 26.92
C LYS B 164 -27.02 29.95 28.34
N ILE B 165 -27.00 31.26 28.57
CA ILE B 165 -26.38 31.87 29.76
C ILE B 165 -27.33 32.64 30.62
N ARG B 166 -27.08 32.59 31.92
CA ARG B 166 -28.01 33.13 32.86
C ARG B 166 -27.39 34.30 33.64
N HIS B 167 -27.96 35.50 33.51
CA HIS B 167 -27.44 36.64 34.24
C HIS B 167 -28.35 36.89 35.42
N ASN B 168 -27.87 36.65 36.63
CA ASN B 168 -28.77 36.82 37.75
C ASN B 168 -29.10 38.28 37.75
N ILE B 169 -30.23 38.57 38.35
CA ILE B 169 -30.75 39.91 38.32
C ILE B 169 -31.05 40.41 39.70
N GLU B 170 -30.99 41.73 39.81
CA GLU B 170 -31.15 42.41 41.09
C GLU B 170 -32.49 41.99 41.69
N ASP B 171 -33.45 41.80 40.80
CA ASP B 171 -34.78 41.28 41.09
C ASP B 171 -34.68 40.05 42.01
N GLY B 172 -33.69 39.19 41.78
CA GLY B 172 -33.68 37.85 42.35
C GLY B 172 -34.13 36.93 41.24
N SER B 173 -34.56 37.60 40.18
CA SER B 173 -35.00 36.95 38.97
C SER B 173 -33.80 36.48 38.24
N VAL B 174 -34.07 36.04 37.04
CA VAL B 174 -33.02 35.63 36.15
C VAL B 174 -33.32 36.04 34.75
N GLN B 175 -32.26 36.28 34.00
CA GLN B 175 -32.39 36.59 32.60
C GLN B 175 -31.55 35.68 31.76
N LEU B 176 -32.14 35.27 30.65
CA LEU B 176 -31.47 34.39 29.72
C LEU B 176 -30.82 35.18 28.62
N ALA B 177 -29.69 34.68 28.15
CA ALA B 177 -29.11 35.14 26.91
C ALA B 177 -28.83 33.91 26.06
N ASP B 178 -29.60 33.70 25.00
CA ASP B 178 -29.59 32.43 24.22
C ASP B 178 -28.51 32.65 23.11
N HIS B 179 -27.39 31.92 23.21
CA HIS B 179 -26.18 32.08 22.37
C HIS B 179 -26.10 31.04 21.24
N TYR B 180 -25.99 31.50 20.00
CA TYR B 180 -25.77 30.58 18.87
C TYR B 180 -24.46 31.07 18.18
N GLN B 181 -23.49 30.18 17.94
CA GLN B 181 -22.15 30.62 17.51
C GLN B 181 -21.59 29.76 16.39
N GLN B 182 -20.70 30.34 15.57
CA GLN B 182 -20.11 29.63 14.44
C GLN B 182 -18.68 30.11 14.14
N ASN B 183 -17.80 29.15 13.87
CA ASN B 183 -16.40 29.42 13.59
C ASN B 183 -15.99 28.88 12.27
N THR B 184 -15.34 29.74 11.50
CA THR B 184 -14.91 29.42 10.16
C THR B 184 -13.41 29.71 10.11
N PRO B 185 -12.56 28.67 10.20
CA PRO B 185 -11.12 28.95 10.24
C PRO B 185 -10.69 29.58 8.95
N ILE B 186 -9.92 30.64 9.05
CA ILE B 186 -9.53 31.37 7.87
C ILE B 186 -8.26 30.79 7.23
N GLY B 187 -7.29 30.36 8.04
CA GLY B 187 -6.13 29.72 7.46
C GLY B 187 -6.64 28.45 6.86
N ASP B 188 -6.22 28.18 5.64
CA ASP B 188 -6.66 26.98 4.98
C ASP B 188 -5.62 25.97 5.26
N GLY B 189 -5.98 25.02 6.10
CA GLY B 189 -5.06 24.02 6.55
C GLY B 189 -5.81 22.78 6.99
N PRO B 190 -5.06 21.77 7.49
CA PRO B 190 -5.60 20.53 8.06
C PRO B 190 -6.24 20.74 9.42
N VAL B 191 -7.28 21.58 9.50
CA VAL B 191 -7.83 21.93 10.80
C VAL B 191 -8.38 20.63 11.34
N LEU B 192 -8.61 20.57 12.64
CA LEU B 192 -9.11 19.36 13.27
C LEU B 192 -10.60 19.53 13.48
N LEU B 193 -11.39 18.62 12.92
CA LEU B 193 -12.83 18.65 13.15
C LEU B 193 -13.30 17.59 14.13
N PRO B 194 -14.07 18.04 15.13
CA PRO B 194 -14.39 17.19 16.26
C PRO B 194 -15.57 16.26 16.14
N ASP B 195 -15.53 15.28 17.02
CA ASP B 195 -16.73 14.59 17.43
C ASP B 195 -17.50 15.55 18.34
N ASN B 196 -18.78 15.28 18.56
CA ASN B 196 -19.58 16.08 19.48
C ASN B 196 -18.98 16.06 20.89
N HIS B 197 -18.94 17.22 21.52
CA HIS B 197 -18.40 17.33 22.88
C HIS B 197 -18.79 18.69 23.44
N TYR B 198 -18.35 18.98 24.66
CA TYR B 198 -18.65 20.28 25.29
C TYR B 198 -17.58 20.74 26.25
N LEU B 199 -17.71 22.02 26.63
CA LEU B 199 -16.79 22.69 27.54
C LEU B 199 -17.53 23.37 28.71
N SER B 200 -16.88 23.46 29.86
CA SER B 200 -17.49 24.02 31.06
C SER B 200 -16.77 25.24 31.66
N THR B 201 -17.41 26.41 31.57
CA THR B 201 -16.85 27.66 32.09
C THR B 201 -17.26 27.82 33.53
N GLN B 202 -16.37 28.37 34.34
CA GLN B 202 -16.74 28.93 35.61
C GLN B 202 -15.98 30.27 35.62
N SER B 203 -16.57 31.28 36.24
CA SER B 203 -16.13 32.63 35.98
C SER B 203 -16.43 33.62 37.09
N ASN B 204 -15.65 34.70 37.07
CA ASN B 204 -15.70 35.75 38.07
C ASN B 204 -15.44 37.17 37.55
N LEU B 205 -16.17 38.12 38.12
CA LEU B 205 -16.09 39.52 37.76
C LEU B 205 -15.58 40.35 38.95
N SER B 206 -14.40 40.96 38.88
CA SER B 206 -13.96 41.86 39.92
C SER B 206 -13.79 43.24 39.36
N LYS B 207 -13.29 44.13 40.21
CA LYS B 207 -12.86 45.41 39.73
C LYS B 207 -11.56 45.82 40.41
N ASP B 208 -10.87 46.76 39.73
CA ASP B 208 -9.63 47.33 40.21
C ASP B 208 -9.85 48.66 40.93
N PRO B 209 -9.36 48.73 42.18
CA PRO B 209 -9.54 49.94 42.98
C PRO B 209 -8.87 51.16 42.38
N ASN B 210 -7.70 50.93 41.79
CA ASN B 210 -6.84 51.99 41.30
C ASN B 210 -7.57 52.57 40.06
N GLU B 211 -7.88 51.71 39.07
CA GLU B 211 -8.50 52.15 37.81
C GLU B 211 -9.87 52.85 37.96
N LYS B 212 -9.96 54.04 37.37
CA LYS B 212 -11.14 54.88 37.50
C LYS B 212 -11.93 54.92 36.23
N ARG B 213 -11.49 54.21 35.23
CA ARG B 213 -12.25 54.24 34.01
C ARG B 213 -13.33 53.21 34.24
N ASP B 214 -14.45 53.30 33.51
CA ASP B 214 -15.43 52.21 33.56
C ASP B 214 -14.72 50.95 33.05
N HIS B 215 -14.71 49.92 33.87
CA HIS B 215 -13.91 48.75 33.59
C HIS B 215 -14.49 47.45 34.13
N MET B 216 -13.83 46.38 33.77
CA MET B 216 -14.13 45.08 34.32
C MET B 216 -12.87 44.22 34.30
N VAL B 217 -12.66 43.42 35.34
CA VAL B 217 -11.48 42.56 35.45
C VAL B 217 -12.05 41.12 35.56
N LEU B 218 -11.56 40.29 34.67
CA LEU B 218 -12.25 39.05 34.33
C LEU B 218 -11.40 37.78 34.29
N LEU B 219 -11.81 36.73 34.98
CA LEU B 219 -11.13 35.43 34.93
C LEU B 219 -12.04 34.23 34.59
N GLU B 220 -11.53 33.27 33.80
CA GLU B 220 -12.31 32.08 33.39
C GLU B 220 -11.51 30.81 33.65
N PHE B 221 -12.09 29.81 34.31
CA PHE B 221 -11.52 28.46 34.21
C PHE B 221 -12.40 27.77 33.18
N VAL B 222 -11.77 27.08 32.22
CA VAL B 222 -12.50 26.48 31.14
C VAL B 222 -11.97 25.09 30.78
N THR B 223 -12.79 24.06 30.93
CA THR B 223 -12.39 22.70 30.56
C THR B 223 -13.33 21.81 29.70
N ALA B 224 -12.67 21.04 28.83
CA ALA B 224 -13.34 20.19 27.88
C ALA B 224 -13.64 18.84 28.48
N ALA B 225 -14.76 18.28 28.05
CA ALA B 225 -15.26 17.03 28.58
C ALA B 225 -16.27 16.50 27.63
N GLY B 226 -16.92 15.44 28.05
CA GLY B 226 -17.93 14.88 27.22
C GLY B 226 -17.41 13.75 26.41
N ILE B 227 -16.35 13.11 26.90
CA ILE B 227 -15.93 11.88 26.28
C ILE B 227 -15.58 10.88 27.35
N THR B 228 -16.40 9.84 27.40
CA THR B 228 -16.34 8.91 28.48
C THR B 228 -16.19 7.55 27.86
N GLY B 229 -15.86 6.60 28.73
CA GLY B 229 -14.75 5.69 28.49
C GLY B 229 -14.76 5.11 27.10
N SER B 230 -15.88 4.54 26.70
CA SER B 230 -16.01 3.96 25.40
C SER B 230 -15.43 4.87 24.34
N ASN B 231 -16.12 5.97 24.04
CA ASN B 231 -15.67 6.87 23.00
C ASN B 231 -14.21 7.32 23.12
N SER B 232 -13.73 7.46 24.35
CA SER B 232 -12.31 7.74 24.57
C SER B 232 -11.40 6.63 24.08
N ILE B 233 -11.62 5.43 24.64
CA ILE B 233 -10.70 4.31 24.45
C ILE B 233 -10.67 3.84 23.00
N LEU B 234 -11.73 4.14 22.25
CA LEU B 234 -11.76 3.86 20.83
C LEU B 234 -11.12 4.99 20.03
N GLY B 235 -11.67 6.17 20.18
CA GLY B 235 -11.18 7.33 19.46
C GLY B 235 -9.75 7.68 19.78
N GLN B 236 -9.19 7.09 20.84
CA GLN B 236 -7.75 7.16 21.06
C GLN B 236 -7.00 6.15 20.21
N VAL B 237 -7.61 4.98 20.03
CA VAL B 237 -7.12 4.06 19.04
C VAL B 237 -7.24 4.76 17.69
N GLY B 238 -8.29 5.56 17.51
CA GLY B 238 -8.52 6.19 16.22
C GLY B 238 -7.52 7.25 15.80
N ARG B 239 -6.94 7.98 16.74
CA ARG B 239 -5.83 8.83 16.36
C ARG B 239 -4.52 8.01 16.37
N GLN B 240 -4.35 7.11 17.35
CA GLN B 240 -3.08 6.37 17.47
C GLN B 240 -2.83 5.56 16.19
N LEU B 241 -3.90 5.17 15.50
CA LEU B 241 -3.73 4.60 14.15
C LEU B 241 -3.37 5.65 13.08
N ALA B 242 -3.92 6.86 13.20
CA ALA B 242 -3.67 7.93 12.23
C ALA B 242 -2.21 8.38 12.31
N LEU B 243 -1.62 8.18 13.49
CA LEU B 243 -0.19 8.45 13.78
C LEU B 243 0.80 7.58 12.98
N ILE B 244 0.60 6.27 13.08
CA ILE B 244 1.32 5.29 12.27
C ILE B 244 0.89 5.50 10.79
N GLY B 245 -0.32 6.05 10.58
CA GLY B 245 -0.80 6.32 9.23
C GLY B 245 -0.05 7.43 8.47
N ASP B 246 0.40 8.52 9.13
CA ASP B 246 1.44 9.39 8.48
C ASP B 246 2.97 8.99 8.73
N ASP B 247 3.30 8.11 9.70
CA ASP B 247 4.66 7.51 9.78
C ASP B 247 4.94 6.91 8.41
N ILE B 248 3.98 6.08 8.01
CA ILE B 248 3.89 5.46 6.70
C ILE B 248 3.86 6.40 5.48
N CYS B 249 2.88 7.32 5.52
CA CYS B 249 2.56 8.23 4.44
C CYS B 249 3.82 8.92 3.97
N ARG B 250 4.60 9.40 4.92
CA ARG B 250 5.89 9.99 4.62
C ARG B 250 6.87 9.02 3.96
N ARG B 251 7.24 8.00 4.73
CA ARG B 251 8.51 7.27 4.61
C ARG B 251 8.76 6.68 3.20
N TYR B 252 7.67 6.47 2.48
CA TYR B 252 7.68 5.64 1.29
C TYR B 252 7.35 6.32 -0.05
N ASP B 253 6.24 7.07 -0.15
CA ASP B 253 5.75 7.56 -1.44
C ASP B 253 6.78 8.43 -2.16
N THR B 254 8.00 8.50 -1.61
CA THR B 254 9.19 9.01 -2.32
C THR B 254 10.14 8.01 -3.07
N GLU B 255 9.92 6.70 -2.95
CA GLU B 255 10.55 5.73 -3.85
C GLU B 255 9.59 5.37 -4.96
N PHE B 256 8.40 5.95 -4.84
CA PHE B 256 7.24 5.81 -5.76
C PHE B 256 7.34 6.51 -7.11
N GLN B 257 7.40 7.84 -7.07
CA GLN B 257 7.69 8.65 -8.24
C GLN B 257 8.98 8.08 -8.90
N ASN B 258 9.94 7.59 -8.09
CA ASN B 258 11.24 7.02 -8.55
C ASN B 258 11.10 5.96 -9.66
N LEU B 259 10.06 5.15 -9.51
CA LEU B 259 9.59 4.15 -10.46
C LEU B 259 8.48 4.56 -11.53
N LEU B 260 7.55 5.46 -11.17
CA LEU B 260 6.54 6.01 -12.12
C LEU B 260 7.22 6.77 -13.20
N GLU B 261 8.30 7.39 -12.77
CA GLU B 261 9.28 8.03 -13.63
C GLU B 261 10.14 6.93 -14.35
N GLN B 262 10.00 5.65 -13.97
CA GLN B 262 10.58 4.55 -14.77
C GLN B 262 9.53 4.16 -15.81
N LEU B 263 8.33 3.70 -15.47
CA LEU B 263 7.30 3.74 -16.53
C LEU B 263 6.15 4.64 -16.33
N GLN B 264 6.28 5.78 -16.99
CA GLN B 264 5.68 5.93 -18.28
C GLN B 264 4.49 5.02 -18.40
N PRO B 265 3.52 5.31 -17.56
CA PRO B 265 2.27 4.61 -17.67
C PRO B 265 1.68 5.13 -18.94
N THR B 266 0.84 4.39 -19.63
CA THR B 266 -0.18 5.07 -20.42
C THR B 266 -1.45 4.58 -19.78
N ALA B 267 -2.54 5.34 -19.85
CA ALA B 267 -3.79 4.86 -19.29
C ALA B 267 -4.18 3.58 -20.05
N GLY B 268 -3.73 3.48 -21.31
CA GLY B 268 -3.93 2.30 -22.17
C GLY B 268 -3.32 0.99 -21.70
N ASN B 269 -2.02 1.02 -21.40
CA ASN B 269 -1.27 -0.19 -21.02
C ASN B 269 -1.34 -0.36 -19.50
N ALA B 270 -1.92 0.65 -18.84
CA ALA B 270 -1.98 0.70 -17.38
C ALA B 270 -2.64 -0.56 -16.85
N TYR B 271 -3.72 -0.99 -17.48
CA TYR B 271 -4.50 -2.09 -16.96
C TYR B 271 -3.61 -3.35 -16.83
N GLU B 272 -2.90 -3.73 -17.90
CA GLU B 272 -1.91 -4.83 -17.83
C GLU B 272 -0.63 -4.60 -16.94
N LEU B 273 0.14 -3.51 -17.17
CA LEU B 273 1.43 -3.22 -16.48
C LEU B 273 1.26 -3.48 -14.98
N PHE B 274 0.08 -3.08 -14.55
CA PHE B 274 -0.44 -3.29 -13.23
C PHE B 274 -0.48 -4.79 -12.79
N THR B 275 -1.38 -5.62 -13.35
CA THR B 275 -1.60 -7.04 -12.95
C THR B 275 -0.25 -7.82 -12.93
N LYS B 276 0.63 -7.30 -13.76
CA LYS B 276 1.95 -7.84 -13.94
C LYS B 276 2.98 -7.49 -12.86
N ILE B 277 3.29 -6.20 -12.60
CA ILE B 277 4.26 -5.94 -11.51
C ILE B 277 3.67 -6.73 -10.34
N ALA B 278 2.36 -6.82 -10.25
CA ALA B 278 1.77 -7.57 -9.14
C ALA B 278 2.23 -9.03 -8.96
N SER B 279 1.80 -9.95 -9.84
CA SER B 279 1.95 -11.41 -9.50
C SER B 279 3.39 -11.80 -9.18
N SER B 280 4.33 -11.24 -9.91
CA SER B 280 5.73 -11.50 -9.64
C SER B 280 6.13 -11.13 -8.21
N LEU B 281 5.53 -10.08 -7.66
CA LEU B 281 5.95 -9.63 -6.34
C LEU B 281 5.46 -10.55 -5.28
N PHE B 282 4.30 -11.12 -5.55
CA PHE B 282 3.74 -12.02 -4.59
C PHE B 282 4.22 -13.41 -4.59
N LYS B 283 4.76 -13.81 -5.73
CA LYS B 283 5.31 -15.14 -5.85
C LYS B 283 6.25 -15.44 -4.65
N SER B 284 6.85 -14.37 -4.09
CA SER B 284 7.62 -14.41 -2.84
C SER B 284 6.94 -15.15 -1.68
N GLY B 285 5.82 -14.55 -1.30
CA GLY B 285 4.98 -15.01 -0.23
C GLY B 285 3.93 -13.93 -0.03
N ILE B 286 3.08 -14.09 0.98
CA ILE B 286 2.05 -13.11 1.33
C ILE B 286 1.86 -12.95 2.83
N SER B 287 1.55 -11.72 3.19
CA SER B 287 0.84 -11.40 4.42
C SER B 287 0.41 -10.04 3.92
N TRP B 288 -0.21 -9.22 4.73
CA TRP B 288 -0.60 -7.91 4.23
C TRP B 288 0.54 -6.96 4.06
N GLY B 289 1.60 -7.15 4.85
CA GLY B 289 2.72 -6.23 4.87
C GLY B 289 3.16 -5.92 3.45
N ARG B 290 2.99 -6.92 2.58
CA ARG B 290 3.14 -6.72 1.14
C ARG B 290 1.91 -6.01 0.55
N VAL B 291 0.72 -6.41 0.97
CA VAL B 291 -0.49 -5.99 0.27
C VAL B 291 -0.76 -4.51 0.32
N VAL B 292 -0.57 -3.95 1.50
CA VAL B 292 -0.68 -2.53 1.64
C VAL B 292 0.22 -1.86 0.60
N ALA B 293 1.52 -2.14 0.76
CA ALA B 293 2.60 -1.46 0.06
C ALA B 293 2.20 -1.44 -1.38
N LEU B 294 1.69 -2.57 -1.83
CA LEU B 294 1.34 -2.72 -3.22
C LEU B 294 0.37 -1.60 -3.69
N LEU B 295 -0.83 -1.44 -3.13
CA LEU B 295 -1.76 -0.48 -3.76
C LEU B 295 -1.54 0.97 -3.34
N GLY B 296 -0.77 1.21 -2.26
CA GLY B 296 -0.28 2.58 -1.97
C GLY B 296 0.30 3.16 -3.27
N PHE B 297 0.83 2.23 -4.08
CA PHE B 297 1.25 2.50 -5.45
C PHE B 297 0.10 2.67 -6.50
N GLY B 298 -0.93 1.83 -6.57
CA GLY B 298 -2.03 2.07 -7.51
C GLY B 298 -2.74 3.42 -7.33
N TYR B 299 -2.89 3.88 -6.08
CA TYR B 299 -3.19 5.32 -5.77
C TYR B 299 -2.05 6.34 -6.28
N ARG B 300 -0.75 6.23 -5.87
CA ARG B 300 0.32 7.20 -6.34
C ARG B 300 0.65 7.12 -7.88
N LEU B 301 0.22 5.99 -8.49
CA LEU B 301 0.08 5.75 -9.97
C LEU B 301 -1.18 6.38 -10.68
N ALA B 302 -2.42 6.10 -10.21
CA ALA B 302 -3.67 6.76 -10.70
C ALA B 302 -3.51 8.34 -10.71
N LEU B 303 -2.89 8.93 -9.63
CA LEU B 303 -2.45 10.39 -9.56
C LEU B 303 -1.29 10.83 -10.57
N TYR B 304 -0.31 9.96 -10.88
CA TYR B 304 0.73 10.26 -11.89
C TYR B 304 0.21 10.13 -13.42
N VAL B 305 -0.66 9.12 -13.78
CA VAL B 305 -1.38 9.08 -15.12
C VAL B 305 -2.46 10.21 -15.31
N TYR B 306 -3.40 10.38 -14.36
CA TYR B 306 -4.37 11.49 -14.41
C TYR B 306 -3.64 12.94 -14.36
N GLN B 307 -2.63 13.19 -13.45
CA GLN B 307 -1.83 14.47 -13.47
C GLN B 307 -0.87 14.68 -14.68
N ARG B 308 -0.09 13.69 -15.11
CA ARG B 308 0.73 13.87 -16.33
C ARG B 308 -0.20 13.42 -17.50
N GLY B 309 -0.77 14.39 -18.22
CA GLY B 309 -1.89 14.17 -19.15
C GLY B 309 -3.22 14.70 -18.67
#